data_2B92
#
_entry.id   2B92
#
_cell.length_a   148.820
_cell.length_b   103.921
_cell.length_c   55.485
_cell.angle_alpha   90.00
_cell.angle_beta   90.00
_cell.angle_gamma   90.00
#
_symmetry.space_group_name_H-M   'P 21 21 21'
#
loop_
_entity.id
_entity.type
_entity.pdbx_description
1 polymer 'Interferon-induced guanylate-binding protein 1'
2 non-polymer 'MAGNESIUM ION'
3 non-polymer "GUANOSINE-5'-DIPHOSPHATE"
4 non-polymer 'ALUMINUM FLUORIDE'
5 water water
#
_entity_poly.entity_id   1
_entity_poly.type   'polypeptide(L)'
_entity_poly.pdbx_seq_one_letter_code
;MHHHHHHMRGSMASEIHMTGPMCLIENTNGRLMANPEALKILSAITQPMVVVAIVGLYRTGKSYLMNKLAGKKKGFSLGS
TVQSHTKGIWMWCVPHPKKPGHILVLLDTEGLGDVEKGDNQNDSWIFALAVLLSSTFVYNSIGTINQQAMDQLYYVTELT
HRIRSKSSPDENENEVEDSADFVSFFPDFVWTLRDFSLDLEADGQPLTPDEYLTYSLKLKKGTSQKDETFNLPRLCIRKF
FPKKKCFVFDRPVHRRKLAQLEKLQDEELDPEFVQQVADFCSYIFSNSKTKTLSGGIQVNGPRLESLVLTYVNAISSGDL
PCMENAVL
;
_entity_poly.pdbx_strand_id   A,B
#
loop_
_chem_comp.id
_chem_comp.type
_chem_comp.name
_chem_comp.formula
AF3 non-polymer 'ALUMINUM FLUORIDE' 'Al F3'
GDP RNA linking GUANOSINE-5'-DIPHOSPHATE 'C10 H15 N5 O11 P2'
MG non-polymer 'MAGNESIUM ION' 'Mg 2'
#
# COMPACT_ATOMS: atom_id res chain seq x y z
N HIS A 17 15.30 32.94 5.89
CA HIS A 17 14.59 33.42 4.66
C HIS A 17 13.06 33.33 4.83
N MET A 18 12.47 32.30 4.20
CA MET A 18 11.01 32.02 4.30
C MET A 18 10.68 31.34 5.63
N THR A 19 9.65 31.86 6.33
CA THR A 19 9.37 31.43 7.73
C THR A 19 8.50 30.20 7.79
N GLY A 20 7.68 30.01 6.78
CA GLY A 20 6.98 28.80 6.60
C GLY A 20 6.61 28.59 5.18
N PRO A 21 6.07 27.42 4.87
CA PRO A 21 5.76 27.06 3.52
C PRO A 21 4.48 27.68 3.04
N MET A 22 4.31 27.75 1.72
CA MET A 22 3.06 28.17 1.12
C MET A 22 2.70 27.31 -0.10
N CYS A 23 1.42 27.20 -0.37
CA CYS A 23 0.95 26.40 -1.43
C CYS A 23 1.41 26.95 -2.81
N LEU A 24 2.11 26.12 -3.57
CA LEU A 24 2.54 26.47 -4.92
C LEU A 24 1.48 26.13 -5.93
N ILE A 25 0.94 24.93 -5.84
CA ILE A 25 -0.10 24.51 -6.70
C ILE A 25 -1.30 24.14 -5.95
N GLU A 26 -2.38 24.84 -6.24
CA GLU A 26 -3.65 24.58 -5.61
C GLU A 26 -4.37 23.42 -6.32
N ASN A 27 -5.20 22.70 -5.57
CA ASN A 27 -5.95 21.55 -6.13
C ASN A 27 -7.46 21.58 -5.75
N THR A 28 -8.26 22.26 -6.58
CA THR A 28 -9.71 22.42 -6.31
C THR A 28 -10.52 21.78 -7.41
N ASN A 29 -11.37 20.83 -7.03
CA ASN A 29 -12.24 20.10 -8.03
C ASN A 29 -11.47 19.67 -9.27
N GLY A 30 -10.29 19.09 -9.07
CA GLY A 30 -9.54 18.44 -10.15
C GLY A 30 -8.90 19.43 -11.12
N ARG A 31 -8.98 20.72 -10.81
CA ARG A 31 -8.17 21.73 -11.49
C ARG A 31 -6.96 22.03 -10.69
N LEU A 32 -5.81 21.90 -11.31
CA LEU A 32 -4.59 22.37 -10.73
C LEU A 32 -4.26 23.74 -11.24
N MET A 33 -3.96 24.66 -10.33
CA MET A 33 -3.66 26.05 -10.70
C MET A 33 -2.48 26.56 -9.90
N ALA A 34 -1.56 27.28 -10.56
CA ALA A 34 -0.48 27.96 -9.85
C ALA A 34 -1.03 29.00 -8.93
N ASN A 35 -0.44 29.13 -7.78
CA ASN A 35 -0.77 30.18 -6.92
C ASN A 35 0.11 31.39 -7.14
N PRO A 36 -0.48 32.47 -7.64
CA PRO A 36 0.24 33.60 -8.09
C PRO A 36 1.16 34.22 -7.00
N GLU A 37 0.75 34.14 -5.73
CA GLU A 37 1.52 34.74 -4.62
C GLU A 37 2.87 33.99 -4.36
N ALA A 38 2.97 32.76 -4.87
CA ALA A 38 4.21 31.97 -4.76
C ALA A 38 5.13 32.22 -5.92
N LEU A 39 4.54 32.41 -7.07
CA LEU A 39 5.26 32.77 -8.21
C LEU A 39 5.85 34.10 -8.06
N LYS A 40 5.07 35.02 -7.49
CA LYS A 40 5.59 36.30 -7.14
C LYS A 40 6.83 36.15 -6.30
N ILE A 41 6.83 35.16 -5.41
CA ILE A 41 8.01 34.90 -4.57
C ILE A 41 9.16 34.21 -5.33
N LEU A 42 8.85 33.14 -6.04
CA LEU A 42 9.87 32.48 -6.88
C LEU A 42 10.55 33.45 -7.82
N SER A 43 9.78 34.38 -8.35
CA SER A 43 10.26 35.24 -9.38
C SER A 43 11.29 36.24 -8.83
N ALA A 44 11.38 36.33 -7.50
CA ALA A 44 12.33 37.27 -6.86
C ALA A 44 13.63 36.56 -6.45
N ILE A 45 13.65 35.24 -6.58
CA ILE A 45 14.79 34.45 -6.09
C ILE A 45 15.79 34.15 -7.23
N THR A 46 16.98 34.74 -7.13
CA THR A 46 17.95 34.76 -8.26
C THR A 46 18.95 33.63 -8.15
N GLN A 47 19.20 33.19 -6.92
CA GLN A 47 20.13 32.08 -6.65
C GLN A 47 19.63 30.78 -7.31
N PRO A 48 20.55 29.90 -7.64
CA PRO A 48 20.18 28.54 -8.09
C PRO A 48 19.52 27.74 -6.98
N MET A 49 18.83 26.68 -7.37
CA MET A 49 17.97 25.96 -6.47
C MET A 49 18.23 24.49 -6.54
N VAL A 50 18.31 23.86 -5.37
CA VAL A 50 18.10 22.40 -5.25
C VAL A 50 16.67 22.10 -4.84
N VAL A 51 16.02 21.26 -5.60
CA VAL A 51 14.61 21.00 -5.39
C VAL A 51 14.37 19.60 -4.93
N VAL A 52 13.71 19.45 -3.79
CA VAL A 52 13.40 18.14 -3.27
C VAL A 52 11.95 17.94 -3.16
N ALA A 53 11.46 16.87 -3.75
CA ALA A 53 10.06 16.56 -3.69
C ALA A 53 9.83 15.24 -3.03
N ILE A 54 8.63 15.04 -2.53
CA ILE A 54 8.31 13.84 -1.85
C ILE A 54 6.92 13.42 -2.20
N VAL A 55 6.74 12.17 -2.55
CA VAL A 55 5.43 11.63 -2.70
C VAL A 55 5.31 10.25 -2.21
N GLY A 56 4.07 9.84 -2.04
CA GLY A 56 3.75 8.55 -1.59
C GLY A 56 2.29 8.45 -1.32
N LEU A 57 1.86 7.33 -0.79
CA LEU A 57 0.50 7.18 -0.32
C LEU A 57 0.23 8.13 0.71
N TYR A 58 -1.04 8.41 0.89
CA TYR A 58 -1.45 9.35 1.84
C TYR A 58 -1.40 8.81 3.26
N ARG A 59 -1.13 9.70 4.22
CA ARG A 59 -1.10 9.33 5.65
C ARG A 59 0.04 8.47 5.95
N THR A 60 1.20 8.96 5.66
CA THR A 60 2.30 8.14 5.54
C THR A 60 3.53 8.85 6.12
N GLY A 61 3.30 10.06 6.65
CA GLY A 61 4.29 10.76 7.43
C GLY A 61 5.18 11.63 6.59
N LYS A 62 4.72 11.97 5.39
CA LYS A 62 5.54 12.71 4.45
C LYS A 62 5.87 14.09 4.97
N SER A 63 4.86 14.81 5.41
CA SER A 63 5.03 16.18 5.77
C SER A 63 5.92 16.32 7.01
N TYR A 64 5.78 15.39 7.92
CA TYR A 64 6.63 15.34 9.04
C TYR A 64 8.05 15.21 8.64
N LEU A 65 8.31 14.38 7.68
CA LEU A 65 9.66 14.08 7.31
C LEU A 65 10.30 15.25 6.54
N MET A 66 9.53 15.88 5.67
CA MET A 66 10.02 17.05 4.94
C MET A 66 10.50 18.12 5.90
N ASN A 67 9.80 18.25 7.01
CA ASN A 67 10.08 19.27 7.95
C ASN A 67 11.45 19.10 8.57
N LYS A 68 11.95 17.87 8.53
CA LYS A 68 13.25 17.57 9.10
C LYS A 68 14.37 18.06 8.18
N LEU A 69 14.05 18.26 6.92
CA LEU A 69 14.99 18.78 5.99
C LEU A 69 15.15 20.27 6.13
N ALA A 70 14.09 20.92 6.59
CA ALA A 70 14.15 22.35 6.84
C ALA A 70 14.70 22.64 8.24
N GLY A 71 14.99 21.58 8.99
CA GLY A 71 15.52 21.71 10.36
C GLY A 71 14.62 22.56 11.28
N LYS A 72 13.30 22.47 11.08
CA LYS A 72 12.29 23.04 12.05
C LYS A 72 11.25 21.98 12.49
N LYS A 73 10.90 22.00 13.75
CA LYS A 73 9.68 21.39 14.17
C LYS A 73 8.53 22.33 13.84
N LYS A 74 7.56 21.84 13.09
CA LYS A 74 6.43 22.68 12.62
C LYS A 74 6.80 23.49 11.36
N GLY A 75 6.08 23.23 10.28
CA GLY A 75 6.24 23.95 9.04
C GLY A 75 5.12 23.56 8.04
N PHE A 76 5.42 22.61 7.14
CA PHE A 76 4.34 21.85 6.46
C PHE A 76 3.48 21.23 7.48
N SER A 77 2.19 21.38 7.33
CA SER A 77 1.30 21.05 8.41
C SER A 77 0.78 19.59 8.33
N LEU A 78 0.43 19.01 9.51
CA LEU A 78 0.55 17.52 9.73
C LEU A 78 -0.80 16.77 9.59
N GLY A 79 -1.71 17.00 10.49
CA GLY A 79 -3.00 16.30 10.46
C GLY A 79 -2.94 14.88 11.03
N SER A 80 -3.95 14.54 11.82
CA SER A 80 -3.80 13.58 12.88
C SER A 80 -4.68 12.38 12.63
N THR A 81 -5.53 12.47 11.61
CA THR A 81 -6.70 11.64 11.53
C THR A 81 -6.61 10.68 10.28
N VAL A 82 -7.70 10.04 9.94
CA VAL A 82 -7.72 9.20 8.76
C VAL A 82 -7.91 10.03 7.50
N GLN A 83 -8.37 11.27 7.68
CA GLN A 83 -8.54 12.18 6.57
C GLN A 83 -7.21 12.72 6.09
N SER A 84 -7.09 12.89 4.77
CA SER A 84 -5.91 13.52 4.18
C SER A 84 -5.81 14.96 4.61
N HIS A 85 -4.63 15.53 4.51
CA HIS A 85 -4.39 16.85 5.07
C HIS A 85 -3.74 17.82 4.06
N THR A 86 -2.49 17.55 3.72
CA THR A 86 -1.84 18.27 2.63
C THR A 86 -2.64 18.12 1.40
N LYS A 87 -3.07 19.26 0.80
CA LYS A 87 -3.67 19.26 -0.60
C LYS A 87 -2.78 20.05 -1.59
N GLY A 88 -2.77 19.62 -2.85
CA GLY A 88 -1.94 20.27 -3.88
C GLY A 88 -0.45 20.08 -3.62
N ILE A 89 0.36 21.08 -3.96
CA ILE A 89 1.81 21.04 -3.62
C ILE A 89 2.27 22.28 -2.92
N TRP A 90 2.97 22.11 -1.80
CA TRP A 90 3.50 23.23 -1.06
C TRP A 90 4.99 23.33 -1.24
N MET A 91 5.47 24.52 -1.48
CA MET A 91 6.87 24.77 -1.54
C MET A 91 7.31 25.42 -0.29
N TRP A 92 8.61 25.30 0.02
CA TRP A 92 9.24 26.05 1.14
C TRP A 92 10.71 26.42 0.80
N CYS A 93 10.97 27.69 0.62
CA CYS A 93 12.30 28.13 0.14
C CYS A 93 13.17 28.55 1.26
N VAL A 94 14.25 27.81 1.46
CA VAL A 94 15.16 28.08 2.59
C VAL A 94 16.62 28.02 2.12
N PRO A 95 17.52 28.73 2.83
CA PRO A 95 18.95 28.65 2.54
C PRO A 95 19.51 27.23 2.66
N HIS A 96 20.38 26.87 1.73
CA HIS A 96 20.97 25.56 1.70
C HIS A 96 21.98 25.40 2.78
N PRO A 97 21.78 24.42 3.64
CA PRO A 97 22.63 24.25 4.77
C PRO A 97 24.12 23.91 4.42
N LYS A 98 24.39 23.45 3.19
CA LYS A 98 25.75 22.85 2.89
C LYS A 98 26.36 23.33 1.56
N LYS A 99 25.58 24.07 0.79
CA LYS A 99 26.08 24.65 -0.49
C LYS A 99 25.85 26.13 -0.46
N PRO A 100 26.89 26.89 -0.12
CA PRO A 100 26.69 28.33 0.03
C PRO A 100 26.28 28.97 -1.31
N GLY A 101 25.33 29.91 -1.26
CA GLY A 101 24.86 30.62 -2.50
C GLY A 101 23.64 29.95 -3.18
N HIS A 102 23.28 28.75 -2.69
CA HIS A 102 22.10 28.01 -3.21
C HIS A 102 20.85 28.15 -2.27
N ILE A 103 19.66 28.00 -2.86
CA ILE A 103 18.41 27.83 -2.07
C ILE A 103 17.93 26.40 -2.12
N LEU A 104 17.52 25.88 -0.98
CA LEU A 104 16.83 24.60 -0.92
C LEU A 104 15.37 24.80 -1.08
N VAL A 105 14.77 24.04 -1.93
CA VAL A 105 13.35 24.16 -2.17
C VAL A 105 12.65 22.88 -1.88
N LEU A 106 11.80 22.90 -0.89
CA LEU A 106 11.11 21.74 -0.50
C LEU A 106 9.73 21.71 -1.09
N LEU A 107 9.38 20.61 -1.73
CA LEU A 107 8.04 20.41 -2.21
C LEU A 107 7.31 19.31 -1.44
N ASP A 108 6.18 19.69 -0.83
CA ASP A 108 5.35 18.75 -0.07
C ASP A 108 4.07 18.47 -0.83
N THR A 109 3.74 17.21 -0.99
CA THR A 109 2.72 16.82 -1.93
C THR A 109 1.48 16.21 -1.26
N GLU A 110 0.33 16.44 -1.87
CA GLU A 110 -0.85 15.66 -1.56
C GLU A 110 -0.56 14.20 -1.75
N GLY A 111 -0.88 13.39 -0.75
CA GLY A 111 -0.58 11.96 -0.79
C GLY A 111 -1.51 11.20 -1.70
N LEU A 112 -1.02 10.09 -2.27
CA LEU A 112 -1.80 9.28 -3.23
C LEU A 112 -2.81 8.43 -2.52
N GLY A 113 -3.93 8.16 -3.19
CA GLY A 113 -4.78 7.03 -2.82
C GLY A 113 -5.87 7.41 -1.84
N ASP A 114 -6.11 8.72 -1.67
CA ASP A 114 -7.31 9.24 -0.91
C ASP A 114 -8.63 8.57 -1.39
N VAL A 115 -9.40 8.01 -0.47
CA VAL A 115 -10.69 7.45 -0.81
C VAL A 115 -11.79 8.50 -0.76
N GLU A 116 -11.58 9.54 0.01
CA GLU A 116 -12.41 10.75 -0.05
C GLU A 116 -12.46 11.28 -1.53
N LYS A 117 -11.33 11.23 -2.22
CA LYS A 117 -11.19 11.87 -3.50
C LYS A 117 -11.47 10.91 -4.65
N GLY A 118 -11.06 9.66 -4.50
CA GLY A 118 -11.36 8.62 -5.52
C GLY A 118 -11.06 9.09 -6.97
N ASP A 119 -9.80 9.49 -7.23
CA ASP A 119 -9.44 10.18 -8.51
C ASP A 119 -7.95 9.89 -8.89
N ASN A 120 -7.72 8.78 -9.61
CA ASN A 120 -6.32 8.35 -9.95
C ASN A 120 -5.66 9.27 -10.98
N GLN A 121 -6.48 9.81 -11.89
CA GLN A 121 -6.00 10.82 -12.87
C GLN A 121 -5.30 11.97 -12.13
N ASN A 122 -6.00 12.58 -11.20
CA ASN A 122 -5.46 13.64 -10.41
C ASN A 122 -4.22 13.22 -9.64
N ASP A 123 -4.23 12.02 -9.12
CA ASP A 123 -3.07 11.48 -8.48
C ASP A 123 -1.92 11.53 -9.37
N SER A 124 -2.13 11.11 -10.60
CA SER A 124 -1.05 10.96 -11.51
C SER A 124 -0.44 12.29 -11.90
N TRP A 125 -1.30 13.33 -12.07
CA TRP A 125 -0.80 14.69 -12.39
C TRP A 125 0.14 15.18 -11.32
N ILE A 126 -0.24 15.01 -10.06
CA ILE A 126 0.57 15.50 -8.95
C ILE A 126 1.91 14.73 -8.85
N PHE A 127 1.82 13.43 -8.79
CA PHE A 127 2.97 12.60 -8.94
C PHE A 127 3.94 13.17 -10.04
N ALA A 128 3.37 13.53 -11.18
CA ALA A 128 4.16 13.82 -12.35
C ALA A 128 4.90 15.14 -12.21
N LEU A 129 4.19 16.16 -11.73
CA LEU A 129 4.80 17.46 -11.43
C LEU A 129 5.95 17.30 -10.52
N ALA A 130 5.74 16.53 -9.46
CA ALA A 130 6.78 16.29 -8.52
C ALA A 130 8.05 15.85 -9.20
N VAL A 131 7.96 14.79 -9.96
CA VAL A 131 9.06 14.32 -10.66
C VAL A 131 9.59 15.38 -11.62
N LEU A 132 8.69 16.11 -12.24
CA LEU A 132 9.08 17.06 -13.25
C LEU A 132 9.86 18.26 -12.65
N LEU A 133 9.49 18.68 -11.47
CA LEU A 133 10.01 19.91 -10.91
C LEU A 133 11.26 19.68 -10.09
N SER A 134 11.58 18.43 -9.85
CA SER A 134 12.47 18.09 -8.79
C SER A 134 13.84 17.80 -9.28
N SER A 135 14.82 17.96 -8.40
CA SER A 135 16.14 17.46 -8.67
C SER A 135 16.53 16.32 -7.74
N THR A 136 15.79 16.15 -6.67
CA THR A 136 15.75 14.86 -5.98
C THR A 136 14.38 14.47 -5.61
N PHE A 137 13.94 13.36 -6.16
CA PHE A 137 12.60 12.86 -5.95
C PHE A 137 12.61 11.84 -4.84
N VAL A 138 11.62 11.88 -3.99
CA VAL A 138 11.61 11.07 -2.80
C VAL A 138 10.35 10.32 -2.64
N TYR A 139 10.40 9.03 -2.93
CA TYR A 139 9.25 8.20 -2.87
C TYR A 139 9.11 7.55 -1.45
N ASN A 140 8.02 7.89 -0.75
CA ASN A 140 7.79 7.43 0.66
C ASN A 140 6.79 6.27 0.72
N SER A 141 7.13 5.22 1.39
CA SER A 141 6.20 4.11 1.55
C SER A 141 6.30 3.54 2.88
N ILE A 142 5.34 2.72 3.23
CA ILE A 142 5.32 2.14 4.53
C ILE A 142 5.71 0.67 4.51
N GLY A 143 6.87 0.36 5.08
CA GLY A 143 7.17 -1.03 5.52
C GLY A 143 7.99 -1.84 4.50
N THR A 144 7.54 -1.85 3.26
CA THR A 144 8.21 -2.61 2.22
C THR A 144 8.18 -1.89 0.92
N ILE A 145 9.12 -2.24 0.03
CA ILE A 145 8.98 -1.96 -1.39
C ILE A 145 8.01 -2.90 -2.02
N ASN A 146 7.27 -2.42 -2.96
CA ASN A 146 6.07 -3.00 -3.28
C ASN A 146 5.72 -2.81 -4.75
N GLN A 147 5.39 -3.90 -5.42
CA GLN A 147 5.19 -3.88 -6.87
C GLN A 147 4.16 -2.77 -7.35
N GLN A 148 3.03 -2.66 -6.64
CA GLN A 148 2.01 -1.64 -6.98
C GLN A 148 2.64 -0.22 -6.97
N ALA A 149 3.60 -0.02 -6.08
CA ALA A 149 4.44 1.17 -6.13
C ALA A 149 5.37 1.20 -7.42
N MET A 150 6.23 0.16 -7.56
CA MET A 150 7.03 -0.04 -8.85
C MET A 150 6.23 0.39 -10.01
N ASP A 151 5.05 -0.22 -10.15
CA ASP A 151 4.20 0.02 -11.26
C ASP A 151 3.98 1.44 -11.44
N GLN A 152 3.52 2.11 -10.39
CA GLN A 152 3.06 3.41 -10.53
C GLN A 152 4.17 4.35 -10.83
N LEU A 153 5.31 4.10 -10.25
CA LEU A 153 6.46 4.84 -10.53
C LEU A 153 6.82 4.77 -12.01
N TYR A 154 6.71 3.56 -12.60
CA TYR A 154 6.91 3.39 -14.06
C TYR A 154 5.93 4.23 -14.83
N TYR A 155 4.65 4.06 -14.56
CA TYR A 155 3.62 4.75 -15.32
C TYR A 155 3.87 6.26 -15.32
N VAL A 156 4.15 6.82 -14.15
CA VAL A 156 4.36 8.25 -14.03
C VAL A 156 5.60 8.68 -14.74
N THR A 157 6.63 7.84 -14.69
CA THR A 157 7.86 8.11 -15.39
C THR A 157 7.63 8.28 -16.88
N GLU A 158 7.00 7.28 -17.52
CA GLU A 158 6.60 7.40 -18.92
C GLU A 158 5.77 8.66 -19.15
N LEU A 159 4.88 8.96 -18.21
CA LEU A 159 3.99 10.08 -18.35
C LEU A 159 4.77 11.35 -18.43
N THR A 160 5.86 11.40 -17.73
CA THR A 160 6.64 12.54 -17.67
C THR A 160 7.14 12.92 -19.08
N HIS A 161 7.79 11.98 -19.73
CA HIS A 161 8.17 12.15 -21.12
C HIS A 161 7.06 12.82 -21.92
N ARG A 162 5.87 12.24 -21.88
CA ARG A 162 4.82 12.69 -22.72
C ARG A 162 4.40 14.16 -22.39
N ILE A 163 4.58 14.57 -21.15
CA ILE A 163 4.30 15.95 -20.77
C ILE A 163 5.39 16.95 -21.29
N ARG A 164 6.66 16.58 -21.12
CA ARG A 164 7.75 17.38 -21.70
C ARG A 164 7.53 17.58 -23.18
N SER A 165 6.86 16.60 -23.78
CA SER A 165 6.51 16.70 -25.17
C SER A 165 5.84 18.08 -25.54
N LYS A 166 4.70 18.41 -24.92
CA LYS A 166 4.05 19.75 -25.17
C LYS A 166 4.94 20.93 -24.68
N SER A 167 5.78 21.46 -25.60
CA SER A 167 6.64 22.65 -25.29
C SER A 167 8.09 22.40 -25.72
N VAL A 183 25.31 13.15 -19.22
CA VAL A 183 24.99 14.57 -19.07
C VAL A 183 23.53 14.77 -18.58
N SER A 184 23.26 14.39 -17.33
CA SER A 184 21.83 14.09 -16.90
C SER A 184 21.07 15.34 -16.29
N PHE A 185 19.74 15.37 -16.51
CA PHE A 185 18.84 16.42 -15.89
C PHE A 185 17.53 15.80 -15.39
N PHE A 186 17.38 14.51 -15.60
CA PHE A 186 16.42 13.73 -14.87
C PHE A 186 16.85 13.63 -13.39
N PRO A 187 15.86 13.62 -12.45
CA PRO A 187 16.17 13.74 -11.01
C PRO A 187 16.77 12.46 -10.42
N ASP A 188 17.48 12.60 -9.30
CA ASP A 188 17.91 11.46 -8.53
C ASP A 188 16.84 11.05 -7.56
N PHE A 189 16.97 9.84 -7.05
CA PHE A 189 15.84 9.12 -6.51
C PHE A 189 16.15 8.66 -5.12
N VAL A 190 15.16 8.66 -4.27
CA VAL A 190 15.31 8.09 -2.97
C VAL A 190 14.08 7.45 -2.56
N TRP A 191 14.18 6.18 -2.20
CA TRP A 191 13.07 5.47 -1.56
C TRP A 191 13.19 5.51 -0.09
N THR A 192 12.11 5.88 0.58
CA THR A 192 12.10 5.92 2.05
C THR A 192 11.13 4.94 2.62
N LEU A 193 11.57 4.13 3.56
CA LEU A 193 10.72 3.09 4.14
C LEU A 193 10.38 3.40 5.59
N ARG A 194 9.08 3.48 5.87
CA ARG A 194 8.61 3.99 7.16
C ARG A 194 8.09 2.90 8.04
N ASP A 195 8.07 3.16 9.34
CA ASP A 195 7.67 2.15 10.30
C ASP A 195 8.28 0.80 9.97
N PHE A 196 9.52 0.80 9.47
CA PHE A 196 10.19 -0.46 9.06
C PHE A 196 10.27 -1.46 10.23
N SER A 197 9.94 -2.74 9.95
CA SER A 197 9.93 -3.79 11.01
C SER A 197 10.83 -4.94 10.68
N LEU A 198 10.84 -5.34 9.43
CA LEU A 198 11.28 -6.69 9.07
C LEU A 198 12.80 -6.79 9.05
N ASP A 199 13.33 -8.03 9.31
CA ASP A 199 14.79 -8.34 9.05
C ASP A 199 15.18 -7.96 7.61
N LEU A 200 16.19 -7.12 7.48
CA LEU A 200 16.78 -6.85 6.16
C LEU A 200 17.66 -7.96 5.73
N GLU A 201 17.07 -8.96 5.10
CA GLU A 201 17.72 -10.27 4.90
C GLU A 201 17.15 -10.85 3.66
N ALA A 202 17.89 -11.72 2.96
CA ALA A 202 17.35 -12.33 1.68
C ALA A 202 18.20 -13.41 1.09
N ASP A 203 17.56 -14.56 0.81
CA ASP A 203 18.25 -15.72 0.29
C ASP A 203 19.44 -16.09 1.15
N GLY A 204 19.34 -15.80 2.43
CA GLY A 204 20.32 -16.24 3.39
C GLY A 204 21.16 -15.11 3.91
N GLN A 205 21.47 -14.14 3.03
CA GLN A 205 22.57 -13.15 3.28
C GLN A 205 22.00 -11.74 3.61
N PRO A 206 22.67 -10.99 4.55
CA PRO A 206 22.23 -9.64 4.96
C PRO A 206 22.10 -8.64 3.80
N LEU A 207 21.33 -7.57 4.03
CA LEU A 207 21.05 -6.54 3.01
C LEU A 207 21.20 -5.18 3.65
N THR A 208 21.91 -4.29 3.00
CA THR A 208 21.81 -2.88 3.31
C THR A 208 20.65 -2.31 2.59
N PRO A 209 20.06 -1.25 3.14
CA PRO A 209 18.91 -0.64 2.55
C PRO A 209 19.07 -0.46 1.04
N ASP A 210 20.27 -0.13 0.59
CA ASP A 210 20.53 0.07 -0.86
C ASP A 210 20.56 -1.27 -1.63
N GLU A 211 21.12 -2.31 -0.99
CA GLU A 211 21.11 -3.67 -1.59
C GLU A 211 19.69 -4.16 -1.78
N TYR A 212 18.84 -3.81 -0.84
CA TYR A 212 17.43 -4.07 -0.93
C TYR A 212 16.78 -3.40 -2.21
N LEU A 213 17.02 -2.11 -2.37
CA LEU A 213 16.39 -1.39 -3.42
C LEU A 213 16.85 -1.90 -4.80
N THR A 214 18.10 -2.37 -4.89
CA THR A 214 18.62 -2.94 -6.17
C THR A 214 18.23 -4.37 -6.33
N TYR A 215 17.99 -5.04 -5.21
CA TYR A 215 17.35 -6.36 -5.24
C TYR A 215 16.02 -6.28 -5.88
N SER A 216 15.34 -5.18 -5.67
CA SER A 216 14.02 -5.06 -6.11
C SER A 216 13.95 -4.59 -7.60
N LEU A 217 15.00 -3.96 -8.09
CA LEU A 217 15.08 -3.63 -9.56
C LEU A 217 15.98 -4.64 -10.34
N LYS A 218 16.31 -5.76 -9.69
CA LYS A 218 17.23 -6.77 -10.27
C LYS A 218 16.56 -7.49 -11.43
N LEU A 219 17.05 -7.24 -12.68
CA LEU A 219 16.38 -7.80 -13.94
C LEU A 219 16.40 -9.32 -13.95
N LYS A 220 15.48 -9.94 -14.71
CA LYS A 220 15.39 -11.38 -14.77
C LYS A 220 16.16 -12.01 -15.95
N LYS A 221 16.97 -13.04 -15.63
CA LYS A 221 17.87 -13.72 -16.61
C LYS A 221 17.81 -13.15 -18.02
N GLY A 222 17.15 -13.91 -18.92
CA GLY A 222 17.04 -13.50 -20.34
C GLY A 222 15.58 -13.43 -20.81
N THR A 223 15.33 -13.86 -22.06
CA THR A 223 13.94 -13.82 -22.64
C THR A 223 13.19 -15.13 -22.44
N SER A 224 12.03 -15.05 -21.82
CA SER A 224 10.78 -15.34 -22.48
C SER A 224 10.06 -14.03 -22.80
N GLN A 225 8.73 -14.04 -22.84
CA GLN A 225 7.95 -12.79 -23.03
C GLN A 225 7.36 -12.31 -21.73
N LYS A 226 7.36 -13.19 -20.71
CA LYS A 226 7.00 -12.79 -19.32
C LYS A 226 8.23 -12.55 -18.50
N ASP A 227 9.37 -13.03 -18.99
CA ASP A 227 10.66 -12.54 -18.52
C ASP A 227 10.79 -11.05 -18.91
N GLU A 228 10.08 -10.67 -20.00
CA GLU A 228 10.16 -9.29 -20.55
C GLU A 228 9.12 -8.34 -19.88
N THR A 229 7.86 -8.84 -19.72
CA THR A 229 6.82 -8.09 -18.92
C THR A 229 7.44 -7.54 -17.71
N PHE A 230 8.02 -8.42 -16.91
CA PHE A 230 8.85 -8.01 -15.84
C PHE A 230 9.68 -6.80 -16.25
N ASN A 231 10.98 -6.95 -16.14
CA ASN A 231 11.97 -6.01 -16.70
C ASN A 231 11.46 -4.64 -17.23
N LEU A 232 10.38 -4.65 -18.02
CA LEU A 232 9.99 -3.42 -18.80
C LEU A 232 9.85 -2.15 -17.90
N PRO A 233 9.29 -2.34 -16.69
CA PRO A 233 9.29 -1.25 -15.66
C PRO A 233 10.67 -1.03 -15.07
N ARG A 234 11.38 -2.11 -14.79
CA ARG A 234 12.57 -2.04 -14.03
C ARG A 234 13.63 -1.42 -14.83
N LEU A 235 13.60 -1.65 -16.13
CA LEU A 235 14.49 -0.99 -17.05
C LEU A 235 14.25 0.53 -17.06
N CYS A 236 13.02 0.92 -17.32
CA CYS A 236 12.70 2.30 -17.53
C CYS A 236 12.95 3.11 -16.29
N ILE A 237 12.92 2.46 -15.15
CA ILE A 237 13.21 3.11 -13.90
C ILE A 237 14.72 3.26 -13.68
N ARG A 238 15.48 2.19 -13.94
CA ARG A 238 16.93 2.22 -13.79
C ARG A 238 17.57 3.28 -14.76
N LYS A 239 16.98 3.40 -15.94
CA LYS A 239 17.36 4.42 -16.89
C LYS A 239 17.00 5.84 -16.38
N PHE A 240 15.70 6.08 -16.15
CA PHE A 240 15.19 7.45 -15.85
C PHE A 240 15.99 8.15 -14.67
N PHE A 241 16.15 7.44 -13.54
CA PHE A 241 16.81 8.04 -12.32
C PHE A 241 18.26 7.60 -12.21
N PRO A 242 19.22 8.51 -12.55
CA PRO A 242 20.66 8.16 -12.50
C PRO A 242 21.11 7.64 -11.11
N LYS A 243 21.04 8.47 -10.10
CA LYS A 243 21.39 8.03 -8.75
C LYS A 243 20.15 7.46 -7.99
N LYS A 244 20.32 6.29 -7.35
CA LYS A 244 19.32 5.81 -6.35
C LYS A 244 19.88 5.64 -4.99
N LYS A 245 19.02 5.81 -4.01
CA LYS A 245 19.37 5.65 -2.65
C LYS A 245 18.15 5.17 -1.90
N CYS A 246 18.35 4.61 -0.72
CA CYS A 246 17.23 4.10 0.09
C CYS A 246 17.52 4.21 1.57
N PHE A 247 16.50 4.60 2.34
CA PHE A 247 16.63 4.69 3.82
C PHE A 247 15.46 4.03 4.50
N VAL A 248 15.73 3.34 5.61
CA VAL A 248 14.66 2.83 6.50
C VAL A 248 14.46 3.74 7.68
N PHE A 249 13.30 3.66 8.30
CA PHE A 249 12.98 4.50 9.44
C PHE A 249 12.10 3.71 10.44
N ASP A 250 12.57 3.55 11.68
CA ASP A 250 11.70 2.98 12.76
C ASP A 250 10.55 3.96 13.09
N ARG A 251 9.41 3.45 13.56
CA ARG A 251 8.37 4.31 14.19
C ARG A 251 9.03 5.30 15.01
N PRO A 252 8.66 6.55 14.86
CA PRO A 252 9.29 7.57 15.62
C PRO A 252 8.95 7.47 17.15
N VAL A 253 7.77 6.86 17.49
CA VAL A 253 7.35 6.74 18.99
C VAL A 253 6.65 5.40 19.34
N HIS A 254 6.94 4.89 20.56
CA HIS A 254 6.71 3.42 20.90
C HIS A 254 5.09 3.02 21.12
N ARG A 255 4.39 3.72 22.04
CA ARG A 255 2.94 4.00 21.83
C ARG A 255 2.77 4.96 20.66
N ARG A 256 1.56 5.18 20.24
CA ARG A 256 1.22 6.39 19.65
C ARG A 256 0.79 7.51 20.74
N LYS A 257 1.82 8.22 21.29
CA LYS A 257 1.80 9.69 21.32
C LYS A 257 2.26 10.25 19.99
N LEU A 258 1.58 9.82 18.93
CA LEU A 258 2.11 9.90 17.56
C LEU A 258 1.50 11.12 16.87
N ALA A 259 0.66 11.81 17.61
CA ALA A 259 -0.19 12.77 17.05
C ALA A 259 0.16 14.13 17.59
N GLN A 260 1.02 14.15 18.58
CA GLN A 260 1.55 15.37 19.08
C GLN A 260 2.94 15.53 18.67
N LEU A 261 3.19 15.29 17.39
CA LEU A 261 4.51 15.16 16.93
C LEU A 261 5.15 16.52 16.49
N GLU A 262 4.30 17.47 15.96
CA GLU A 262 4.81 18.93 15.68
C GLU A 262 5.50 19.49 16.92
N LYS A 263 5.28 18.82 18.07
CA LYS A 263 5.51 19.44 19.39
C LYS A 263 6.75 18.79 20.17
N LEU A 264 7.22 17.64 19.70
CA LEU A 264 8.19 16.80 20.51
C LEU A 264 9.68 17.14 20.18
N GLN A 265 10.54 17.04 21.18
CA GLN A 265 11.98 17.13 20.97
C GLN A 265 12.53 15.86 20.39
N ASP A 266 13.80 15.63 20.59
CA ASP A 266 14.41 14.52 20.08
C ASP A 266 14.77 13.40 21.18
N GLU A 267 14.99 13.83 22.45
CA GLU A 267 14.95 12.82 23.62
C GLU A 267 13.83 11.98 23.41
N GLU A 268 12.66 12.63 23.22
CA GLU A 268 11.36 11.99 23.42
C GLU A 268 11.13 10.91 22.35
N LEU A 269 11.84 11.02 21.22
CA LEU A 269 11.72 10.05 20.11
C LEU A 269 12.65 8.86 20.31
N ASP A 270 12.21 7.71 19.86
CA ASP A 270 13.11 6.60 19.64
C ASP A 270 14.41 7.08 18.99
N PRO A 271 15.55 6.83 19.67
CA PRO A 271 16.83 7.39 19.23
C PRO A 271 17.30 6.92 17.82
N GLU A 272 16.89 5.73 17.41
CA GLU A 272 17.31 5.21 16.12
C GLU A 272 16.52 5.84 14.98
N PHE A 273 15.40 6.47 15.31
CA PHE A 273 14.69 7.29 14.35
C PHE A 273 15.38 8.57 14.15
N VAL A 274 15.88 9.13 15.24
CA VAL A 274 16.66 10.36 15.17
C VAL A 274 17.98 10.12 14.46
N GLN A 275 18.58 8.97 14.71
CA GLN A 275 19.77 8.55 14.00
C GLN A 275 19.51 8.49 12.54
N GLN A 276 18.38 7.92 12.18
CA GLN A 276 18.12 7.59 10.81
C GLN A 276 17.76 8.79 10.04
N VAL A 277 17.12 9.73 10.69
CA VAL A 277 16.76 10.95 10.08
C VAL A 277 17.94 11.71 9.80
N ALA A 278 18.73 11.93 10.83
CA ALA A 278 20.00 12.61 10.67
C ALA A 278 20.76 12.10 9.46
N ASP A 279 20.94 10.78 9.38
CA ASP A 279 21.62 10.14 8.21
C ASP A 279 21.01 10.60 6.88
N PHE A 280 19.67 10.67 6.85
CA PHE A 280 18.94 11.00 5.61
C PHE A 280 19.14 12.46 5.21
N CYS A 281 19.03 13.34 6.18
CA CYS A 281 19.28 14.73 5.96
C CYS A 281 20.70 14.97 5.40
N SER A 282 21.67 14.29 5.97
CA SER A 282 23.04 14.49 5.57
C SER A 282 23.26 14.06 4.13
N TYR A 283 22.57 13.01 3.71
CA TYR A 283 22.65 12.56 2.33
C TYR A 283 22.11 13.63 1.35
N ILE A 284 20.93 14.14 1.64
CA ILE A 284 20.30 15.13 0.80
C ILE A 284 21.12 16.38 0.71
N PHE A 285 21.54 16.87 1.86
CA PHE A 285 22.32 18.07 1.94
C PHE A 285 23.60 17.93 1.21
N SER A 286 24.14 16.73 1.20
CA SER A 286 25.47 16.51 0.73
C SER A 286 25.50 15.96 -0.72
N ASN A 287 24.34 15.66 -1.29
CA ASN A 287 24.29 14.89 -2.57
C ASN A 287 23.30 15.39 -3.61
N SER A 288 22.21 15.95 -3.17
CA SER A 288 21.23 16.51 -4.07
C SER A 288 21.87 17.56 -4.93
N LYS A 289 21.56 17.53 -6.23
CA LYS A 289 22.23 18.40 -7.21
C LYS A 289 21.40 19.67 -7.51
N THR A 290 22.04 20.67 -8.10
CA THR A 290 21.35 21.86 -8.59
C THR A 290 20.42 21.51 -9.74
N LYS A 291 19.19 22.02 -9.67
CA LYS A 291 18.17 21.71 -10.67
C LYS A 291 18.51 22.33 -11.99
N THR A 292 18.21 21.63 -13.06
CA THR A 292 18.78 21.92 -14.31
C THR A 292 17.78 21.74 -15.44
N LEU A 293 17.72 22.73 -16.31
CA LEU A 293 17.03 22.58 -17.56
C LEU A 293 17.86 21.79 -18.53
N SER A 294 17.25 21.40 -19.65
CA SER A 294 17.98 20.80 -20.74
C SER A 294 19.00 21.71 -21.26
N GLY A 295 20.07 21.15 -21.79
CA GLY A 295 21.11 21.92 -22.38
C GLY A 295 21.94 22.62 -21.35
N GLY A 296 21.61 22.44 -20.06
CA GLY A 296 22.61 22.57 -18.97
C GLY A 296 22.28 23.67 -17.95
N ILE A 297 21.43 24.60 -18.33
CA ILE A 297 21.27 25.83 -17.57
C ILE A 297 20.70 25.57 -16.16
N GLN A 298 21.29 26.21 -15.17
CA GLN A 298 20.87 26.03 -13.81
C GLN A 298 19.58 26.79 -13.54
N VAL A 299 18.64 26.14 -12.87
CA VAL A 299 17.34 26.75 -12.57
C VAL A 299 17.41 27.68 -11.34
N ASN A 300 17.04 28.94 -11.52
CA ASN A 300 16.76 29.83 -10.41
C ASN A 300 15.27 30.10 -10.27
N GLY A 301 14.93 30.96 -9.32
CA GLY A 301 13.55 31.37 -9.14
C GLY A 301 12.79 31.40 -10.45
N PRO A 302 13.04 32.42 -11.28
CA PRO A 302 12.23 32.72 -12.43
C PRO A 302 12.16 31.57 -13.40
N ARG A 303 13.22 30.79 -13.48
CA ARG A 303 13.21 29.63 -14.35
C ARG A 303 12.29 28.46 -13.78
N LEU A 304 12.15 28.42 -12.47
CA LEU A 304 11.22 27.54 -11.86
C LEU A 304 9.80 28.05 -12.06
N GLU A 305 9.60 29.36 -11.86
CA GLU A 305 8.29 29.97 -12.08
C GLU A 305 7.77 29.59 -13.40
N SER A 306 8.66 29.48 -14.36
CA SER A 306 8.28 29.37 -15.70
C SER A 306 7.99 27.96 -16.04
N LEU A 307 8.63 27.04 -15.32
CA LEU A 307 8.36 25.63 -15.48
C LEU A 307 7.08 25.31 -14.93
N VAL A 308 6.85 25.78 -13.76
CA VAL A 308 5.69 25.47 -13.10
C VAL A 308 4.51 25.82 -13.97
N LEU A 309 4.52 27.03 -14.55
CA LEU A 309 3.46 27.48 -15.48
C LEU A 309 3.38 26.61 -16.67
N THR A 310 4.53 26.28 -17.25
CA THR A 310 4.59 25.50 -18.46
C THR A 310 3.95 24.18 -18.26
N TYR A 311 4.34 23.50 -17.18
CA TYR A 311 3.86 22.15 -16.92
C TYR A 311 2.41 22.15 -16.49
N VAL A 312 2.05 23.05 -15.62
CA VAL A 312 0.70 23.19 -15.21
C VAL A 312 -0.22 23.55 -16.38
N ASN A 313 0.19 24.54 -17.21
CA ASN A 313 -0.60 24.90 -18.48
C ASN A 313 -0.73 23.69 -19.42
N ALA A 314 0.25 22.79 -19.36
CA ALA A 314 0.30 21.61 -20.26
C ALA A 314 -0.71 20.58 -19.84
N ILE A 315 -1.05 20.59 -18.59
CA ILE A 315 -1.88 19.62 -18.07
C ILE A 315 -3.31 19.99 -18.28
N SER A 316 -3.56 21.29 -18.41
CA SER A 316 -4.91 21.78 -18.54
C SER A 316 -5.21 22.22 -20.00
N SER A 317 -5.23 21.26 -20.93
CA SER A 317 -5.50 21.61 -22.36
C SER A 317 -5.94 20.39 -23.26
N GLY A 318 -5.06 19.43 -23.41
CA GLY A 318 -5.30 18.31 -24.35
C GLY A 318 -4.23 17.27 -24.33
N ASP A 319 -4.23 16.44 -23.28
CA ASP A 319 -3.25 15.36 -23.15
C ASP A 319 -1.81 15.91 -23.13
N HIS B 17 -6.74 -34.44 14.48
CA HIS B 17 -7.05 -34.80 13.06
C HIS B 17 -6.18 -33.98 12.11
N MET B 18 -6.57 -32.73 11.84
CA MET B 18 -5.68 -31.79 11.14
C MET B 18 -4.81 -30.96 12.08
N THR B 19 -3.53 -31.22 12.02
CA THR B 19 -2.66 -30.95 13.05
C THR B 19 -1.92 -29.69 12.71
N GLY B 20 -1.63 -29.52 11.42
CA GLY B 20 -1.19 -28.27 10.89
C GLY B 20 -1.63 -28.09 9.46
N PRO B 21 -1.37 -26.93 8.89
CA PRO B 21 -1.89 -26.59 7.63
C PRO B 21 -1.34 -27.41 6.58
N MET B 22 -1.83 -27.20 5.37
CA MET B 22 -1.44 -27.97 4.23
C MET B 22 -1.71 -27.17 2.97
N CYS B 23 -0.72 -27.09 2.11
CA CYS B 23 -0.88 -26.39 0.87
C CYS B 23 -2.07 -26.96 0.08
N LEU B 24 -2.98 -26.07 -0.33
CA LEU B 24 -4.13 -26.48 -1.12
C LEU B 24 -3.91 -26.18 -2.59
N ILE B 25 -3.45 -24.98 -2.88
CA ILE B 25 -3.04 -24.64 -4.23
C ILE B 25 -1.62 -24.35 -4.28
N GLU B 26 -0.87 -25.20 -5.00
CA GLU B 26 0.56 -24.93 -5.30
C GLU B 26 0.69 -23.79 -6.33
N ASN B 27 1.69 -22.92 -6.13
CA ASN B 27 2.04 -21.91 -7.14
C ASN B 27 3.54 -22.04 -7.60
N THR B 28 3.74 -22.62 -8.80
CA THR B 28 5.12 -22.88 -9.35
C THR B 28 5.25 -22.36 -10.76
N ASN B 29 6.19 -21.44 -10.97
CA ASN B 29 6.37 -20.84 -12.28
C ASN B 29 5.05 -20.41 -12.89
N GLY B 30 4.18 -19.82 -12.08
CA GLY B 30 2.98 -19.10 -12.59
C GLY B 30 1.83 -20.02 -13.07
N ARG B 31 1.97 -21.31 -12.81
CA ARG B 31 0.85 -22.20 -12.93
C ARG B 31 0.41 -22.73 -11.60
N LEU B 32 -0.83 -22.44 -11.25
CA LEU B 32 -1.40 -22.91 -10.04
C LEU B 32 -1.98 -24.25 -10.26
N MET B 33 -1.92 -25.06 -9.25
CA MET B 33 -2.36 -26.41 -9.36
C MET B 33 -2.82 -26.89 -8.00
N ALA B 34 -3.96 -27.57 -7.95
CA ALA B 34 -4.45 -28.18 -6.68
C ALA B 34 -3.46 -29.20 -6.17
N ASN B 35 -3.37 -29.34 -4.87
CA ASN B 35 -2.56 -30.39 -4.29
C ASN B 35 -3.38 -31.63 -3.92
N PRO B 36 -3.18 -32.71 -4.68
CA PRO B 36 -3.94 -33.90 -4.52
C PRO B 36 -4.08 -34.32 -3.06
N GLU B 37 -2.98 -34.27 -2.29
CA GLU B 37 -2.99 -34.84 -0.91
C GLU B 37 -3.87 -34.03 0.00
N ALA B 38 -4.26 -32.84 -0.46
CA ALA B 38 -5.18 -31.97 0.29
C ALA B 38 -6.67 -32.20 -0.13
N LEU B 39 -6.89 -32.66 -1.35
CA LEU B 39 -8.22 -33.10 -1.78
C LEU B 39 -8.58 -34.41 -1.18
N LYS B 40 -7.64 -35.35 -1.21
CA LYS B 40 -7.82 -36.56 -0.50
C LYS B 40 -8.36 -36.28 0.88
N ILE B 41 -7.83 -35.24 1.51
CA ILE B 41 -8.25 -34.89 2.83
C ILE B 41 -9.66 -34.25 2.85
N LEU B 42 -9.86 -33.23 2.05
CA LEU B 42 -11.16 -32.63 1.91
C LEU B 42 -12.20 -33.65 1.56
N SER B 43 -11.82 -34.65 0.76
CA SER B 43 -12.77 -35.60 0.23
C SER B 43 -13.28 -36.50 1.30
N ALA B 44 -12.55 -36.56 2.41
CA ALA B 44 -12.95 -37.38 3.54
C ALA B 44 -13.84 -36.61 4.54
N ILE B 45 -13.87 -35.29 4.42
CA ILE B 45 -14.60 -34.45 5.40
C ILE B 45 -16.07 -34.12 4.95
N THR B 46 -17.03 -34.52 5.77
CA THR B 46 -18.40 -34.62 5.34
C THR B 46 -19.31 -33.65 6.09
N GLN B 47 -18.76 -32.96 7.09
CA GLN B 47 -19.49 -31.85 7.73
C GLN B 47 -19.49 -30.62 6.88
N PRO B 48 -20.44 -29.76 7.10
CA PRO B 48 -20.49 -28.46 6.46
C PRO B 48 -19.27 -27.55 6.85
N MET B 49 -19.00 -26.55 6.04
CA MET B 49 -17.78 -25.79 6.15
C MET B 49 -18.06 -24.30 6.16
N VAL B 50 -17.62 -23.63 7.22
CA VAL B 50 -17.38 -22.21 7.19
C VAL B 50 -15.96 -21.91 6.70
N VAL B 51 -15.85 -21.04 5.70
CA VAL B 51 -14.56 -20.81 5.02
C VAL B 51 -14.11 -19.36 5.14
N VAL B 52 -12.96 -19.16 5.75
CA VAL B 52 -12.44 -17.85 5.91
C VAL B 52 -11.11 -17.68 5.22
N ALA B 53 -11.04 -16.67 4.36
CA ALA B 53 -9.87 -16.40 3.60
C ALA B 53 -9.32 -15.07 3.94
N ILE B 54 -8.08 -14.86 3.65
CA ILE B 54 -7.48 -13.62 3.89
C ILE B 54 -6.49 -13.27 2.82
N VAL B 55 -6.55 -12.03 2.37
CA VAL B 55 -5.62 -11.56 1.40
C VAL B 55 -5.30 -10.12 1.62
N GLY B 56 -4.23 -9.67 1.00
CA GLY B 56 -3.70 -8.37 1.23
C GLY B 56 -2.28 -8.32 0.80
N LEU B 57 -1.69 -7.13 0.75
CA LEU B 57 -0.28 -7.00 0.40
C LEU B 57 0.54 -7.95 1.19
N TYR B 58 1.66 -8.35 0.63
CA TYR B 58 2.52 -9.22 1.29
C TYR B 58 3.29 -8.55 2.42
N ARG B 59 3.72 -9.35 3.38
CA ARG B 59 4.46 -8.88 4.54
C ARG B 59 3.65 -7.95 5.33
N THR B 60 2.52 -8.42 5.75
CA THR B 60 1.57 -7.60 6.26
C THR B 60 0.88 -8.30 7.52
N GLY B 61 1.43 -9.45 7.92
CA GLY B 61 1.01 -10.11 9.17
C GLY B 61 -0.26 -10.92 8.99
N LYS B 62 -0.47 -11.41 7.79
CA LYS B 62 -1.66 -12.16 7.48
C LYS B 62 -1.66 -13.47 8.16
N SER B 63 -0.58 -14.24 7.94
CA SER B 63 -0.50 -15.61 8.45
C SER B 63 -0.60 -15.63 9.95
N TYR B 64 -0.01 -14.62 10.60
CA TYR B 64 -0.13 -14.48 12.04
C TYR B 64 -1.58 -14.37 12.49
N LEU B 65 -2.29 -13.44 11.91
CA LEU B 65 -3.64 -13.23 12.30
C LEU B 65 -4.47 -14.50 12.06
N MET B 66 -4.15 -15.22 11.01
CA MET B 66 -4.86 -16.39 10.66
C MET B 66 -4.78 -17.44 11.75
N ASN B 67 -3.58 -17.62 12.32
CA ASN B 67 -3.38 -18.57 13.42
C ASN B 67 -4.27 -18.27 14.58
N LYS B 68 -4.61 -17.02 14.73
CA LYS B 68 -5.38 -16.60 15.85
C LYS B 68 -6.79 -17.15 15.78
N LEU B 69 -7.28 -17.37 14.57
CA LEU B 69 -8.62 -17.94 14.37
C LEU B 69 -8.66 -19.40 14.70
N ALA B 70 -7.53 -20.05 14.61
CA ALA B 70 -7.44 -21.43 14.95
C ALA B 70 -7.16 -21.61 16.43
N GLY B 71 -6.89 -20.50 17.13
CA GLY B 71 -6.55 -20.55 18.57
C GLY B 71 -5.30 -21.41 18.85
N LYS B 72 -4.29 -21.25 18.02
CA LYS B 72 -3.02 -21.84 18.28
C LYS B 72 -1.97 -20.82 18.15
N LYS B 73 -0.81 -21.12 18.67
CA LYS B 73 0.34 -20.50 18.17
C LYS B 73 1.04 -21.50 17.33
N LYS B 74 1.77 -21.05 16.36
CA LYS B 74 2.31 -21.93 15.36
C LYS B 74 1.22 -22.64 14.59
N GLY B 75 1.30 -22.57 13.30
CA GLY B 75 0.42 -23.19 12.42
C GLY B 75 0.81 -22.82 11.01
N PHE B 76 0.07 -21.91 10.40
CA PHE B 76 0.53 -21.21 9.23
C PHE B 76 1.79 -20.54 9.55
N SER B 77 2.80 -20.77 8.74
CA SER B 77 4.16 -20.33 9.11
C SER B 77 4.49 -18.91 8.61
N LEU B 78 5.50 -18.27 9.25
CA LEU B 78 5.51 -16.81 9.41
C LEU B 78 6.54 -16.11 8.52
N GLY B 79 7.80 -16.29 8.80
CA GLY B 79 8.86 -15.53 8.08
C GLY B 79 9.00 -14.03 8.51
N SER B 80 10.22 -13.61 8.75
CA SER B 80 10.50 -12.43 9.54
C SER B 80 11.27 -11.39 8.72
N THR B 81 11.47 -11.70 7.43
CA THR B 81 12.37 -10.89 6.54
C THR B 81 11.58 -10.00 5.62
N VAL B 82 12.24 -9.46 4.60
CA VAL B 82 11.57 -8.63 3.59
C VAL B 82 11.10 -9.47 2.44
N GLN B 83 11.57 -10.72 2.38
CA GLN B 83 11.09 -11.68 1.41
C GLN B 83 9.74 -12.23 1.81
N SER B 84 8.97 -12.63 0.80
CA SER B 84 7.67 -13.21 1.02
C SER B 84 7.79 -14.63 1.48
N HIS B 85 6.76 -15.13 2.12
CA HIS B 85 6.86 -16.38 2.79
C HIS B 85 5.82 -17.40 2.37
N THR B 86 4.59 -17.09 2.64
CA THR B 86 3.52 -17.93 2.25
C THR B 86 3.40 -17.91 0.77
N LYS B 87 3.56 -19.08 0.14
CA LYS B 87 3.31 -19.23 -1.31
C LYS B 87 2.03 -20.07 -1.57
N GLY B 88 1.34 -19.78 -2.68
CA GLY B 88 0.07 -20.49 -3.01
C GLY B 88 -1.06 -20.18 -2.02
N ILE B 89 -1.86 -21.19 -1.73
CA ILE B 89 -2.92 -21.04 -0.74
C ILE B 89 -2.94 -22.20 0.19
N TRP B 90 -2.82 -21.92 1.47
CA TRP B 90 -2.80 -22.94 2.46
C TRP B 90 -4.16 -23.08 3.13
N MET B 91 -4.56 -24.31 3.39
CA MET B 91 -5.82 -24.56 4.09
C MET B 91 -5.56 -25.20 5.35
N TRP B 92 -6.52 -25.11 6.25
CA TRP B 92 -6.41 -25.73 7.55
C TRP B 92 -7.76 -25.94 8.16
N CYS B 93 -8.12 -27.20 8.35
CA CYS B 93 -9.44 -27.56 8.74
C CYS B 93 -9.50 -27.83 10.20
N VAL B 94 -10.61 -27.47 10.82
CA VAL B 94 -10.75 -27.57 12.25
C VAL B 94 -12.15 -27.33 12.65
N PRO B 95 -12.54 -27.88 13.78
CA PRO B 95 -13.71 -27.59 14.32
C PRO B 95 -13.95 -26.21 14.41
N HIS B 96 -15.17 -25.90 14.25
CA HIS B 96 -15.58 -24.74 14.51
C HIS B 96 -15.84 -24.67 16.05
N PRO B 97 -15.38 -23.58 16.70
CA PRO B 97 -15.48 -23.49 18.15
C PRO B 97 -16.92 -23.09 18.65
N LYS B 98 -17.76 -22.56 17.76
CA LYS B 98 -19.11 -22.02 18.18
C LYS B 98 -20.27 -22.79 17.55
N LYS B 99 -20.03 -23.38 16.41
CA LYS B 99 -21.07 -23.98 15.63
C LYS B 99 -20.87 -25.46 15.56
N PRO B 100 -21.51 -26.19 16.48
CA PRO B 100 -21.29 -27.63 16.61
C PRO B 100 -21.61 -28.39 15.28
N GLY B 101 -20.75 -29.34 14.92
CA GLY B 101 -21.00 -30.18 13.71
C GLY B 101 -20.56 -29.51 12.42
N HIS B 102 -19.94 -28.32 12.55
CA HIS B 102 -19.31 -27.64 11.41
C HIS B 102 -17.75 -27.73 11.46
N ILE B 103 -17.13 -27.58 10.30
CA ILE B 103 -15.70 -27.39 10.22
C ILE B 103 -15.36 -25.97 9.82
N LEU B 104 -14.48 -25.34 10.57
CA LEU B 104 -13.90 -24.08 10.16
C LEU B 104 -12.74 -24.33 9.21
N VAL B 105 -12.80 -23.71 8.05
CA VAL B 105 -11.70 -23.81 7.11
C VAL B 105 -10.99 -22.51 6.96
N LEU B 106 -9.70 -22.53 7.17
CA LEU B 106 -8.92 -21.33 7.03
C LEU B 106 -8.11 -21.36 5.75
N LEU B 107 -8.12 -20.25 5.02
CA LEU B 107 -7.35 -20.15 3.78
C LEU B 107 -6.34 -19.00 3.82
N ASP B 108 -5.06 -19.34 4.01
CA ASP B 108 -3.98 -18.34 4.02
C ASP B 108 -3.37 -18.19 2.65
N THR B 109 -3.29 -16.95 2.17
CA THR B 109 -2.91 -16.70 0.76
C THR B 109 -1.49 -16.10 0.63
N GLU B 110 -0.83 -16.37 -0.49
CA GLU B 110 0.30 -15.56 -0.96
C GLU B 110 -0.06 -14.09 -0.95
N GLY B 111 0.73 -13.28 -0.26
CA GLY B 111 0.52 -11.83 -0.25
C GLY B 111 0.70 -11.19 -1.63
N LEU B 112 -0.07 -10.14 -1.91
CA LEU B 112 0.02 -9.41 -3.20
C LEU B 112 1.30 -8.53 -3.25
N GLY B 113 1.80 -8.29 -4.46
CA GLY B 113 2.72 -7.14 -4.71
C GLY B 113 4.21 -7.47 -4.49
N ASP B 114 4.50 -8.73 -4.17
CA ASP B 114 5.90 -9.26 -4.20
C ASP B 114 6.70 -8.67 -5.38
N VAL B 115 7.85 -8.02 -5.09
CA VAL B 115 8.74 -7.47 -6.17
C VAL B 115 9.61 -8.52 -6.76
N GLU B 116 9.91 -9.56 -5.97
CA GLU B 116 10.60 -10.77 -6.50
C GLU B 116 9.80 -11.40 -7.68
N LYS B 117 8.49 -11.48 -7.52
CA LYS B 117 7.64 -12.15 -8.49
C LYS B 117 7.37 -11.26 -9.65
N GLY B 118 6.95 -10.02 -9.37
CA GLY B 118 6.61 -9.06 -10.42
C GLY B 118 5.65 -9.63 -11.45
N ASP B 119 4.39 -9.86 -11.03
CA ASP B 119 3.43 -10.67 -11.83
C ASP B 119 1.98 -10.48 -11.33
N ASN B 120 1.32 -9.37 -11.78
CA ASN B 120 -0.04 -9.02 -11.27
C ASN B 120 -1.13 -10.04 -11.65
N GLN B 121 -1.08 -10.55 -12.89
CA GLN B 121 -2.09 -11.53 -13.33
C GLN B 121 -2.09 -12.83 -12.45
N ASN B 122 -0.92 -13.22 -11.96
CA ASN B 122 -0.84 -14.25 -10.96
C ASN B 122 -1.45 -13.85 -9.64
N ASP B 123 -1.19 -12.61 -9.22
CA ASP B 123 -1.82 -12.06 -8.03
C ASP B 123 -3.28 -12.15 -8.14
N SER B 124 -3.80 -11.68 -9.25
CA SER B 124 -5.18 -11.57 -9.43
C SER B 124 -5.85 -12.93 -9.35
N TRP B 125 -5.27 -13.93 -9.99
CA TRP B 125 -5.82 -15.29 -9.92
C TRP B 125 -6.01 -15.72 -8.44
N ILE B 126 -5.08 -15.36 -7.60
CA ILE B 126 -5.05 -15.84 -6.27
C ILE B 126 -6.02 -15.08 -5.36
N PHE B 127 -5.98 -13.78 -5.44
CA PHE B 127 -7.07 -12.97 -5.01
C PHE B 127 -8.40 -13.66 -5.35
N ALA B 128 -8.56 -14.06 -6.60
CA ALA B 128 -9.87 -14.37 -7.14
C ALA B 128 -10.40 -15.66 -6.56
N LEU B 129 -9.51 -16.60 -6.34
CA LEU B 129 -9.86 -17.87 -5.74
C LEU B 129 -10.29 -17.69 -4.33
N ALA B 130 -9.55 -16.90 -3.60
CA ALA B 130 -9.91 -16.61 -2.25
C ALA B 130 -11.35 -16.13 -2.17
N VAL B 131 -11.68 -15.15 -2.95
CA VAL B 131 -13.01 -14.63 -3.00
C VAL B 131 -14.01 -15.75 -3.35
N LEU B 132 -13.60 -16.65 -4.24
CA LEU B 132 -14.49 -17.63 -4.77
C LEU B 132 -14.74 -18.76 -3.80
N LEU B 133 -13.75 -19.09 -3.03
CA LEU B 133 -13.83 -20.26 -2.21
C LEU B 133 -14.36 -19.97 -0.83
N SER B 134 -14.59 -18.70 -0.56
CA SER B 134 -14.80 -18.27 0.78
C SER B 134 -16.25 -18.01 1.08
N SER B 135 -16.59 -18.04 2.37
CA SER B 135 -17.82 -17.44 2.84
C SER B 135 -17.57 -16.20 3.72
N THR B 136 -16.34 -16.01 4.15
CA THR B 136 -15.94 -14.72 4.71
C THR B 136 -14.63 -14.31 4.24
N PHE B 137 -14.61 -13.23 3.54
CA PHE B 137 -13.45 -12.77 2.89
C PHE B 137 -12.80 -11.65 3.71
N VAL B 138 -11.56 -11.84 4.07
CA VAL B 138 -10.89 -10.88 4.92
C VAL B 138 -9.76 -10.15 4.19
N TYR B 139 -9.91 -8.84 4.04
CA TYR B 139 -8.94 -8.06 3.32
C TYR B 139 -8.03 -7.25 4.30
N ASN B 140 -6.74 -7.53 4.24
CA ASN B 140 -5.82 -7.12 5.26
C ASN B 140 -4.89 -6.05 4.74
N SER B 141 -4.81 -4.96 5.44
CA SER B 141 -4.01 -3.86 4.98
C SER B 141 -3.43 -3.09 6.12
N ILE B 142 -2.36 -2.40 5.84
CA ILE B 142 -1.69 -1.65 6.87
C ILE B 142 -2.17 -0.20 6.92
N GLY B 143 -2.67 0.22 8.08
CA GLY B 143 -2.74 1.66 8.41
C GLY B 143 -4.06 2.34 7.96
N THR B 144 -4.33 2.29 6.66
CA THR B 144 -5.49 3.00 6.12
C THR B 144 -6.21 2.21 5.07
N ILE B 145 -7.48 2.55 4.87
CA ILE B 145 -8.16 2.23 3.66
C ILE B 145 -7.74 3.14 2.57
N ASN B 146 -7.65 2.63 1.39
CA ASN B 146 -6.77 3.14 0.49
C ASN B 146 -7.18 2.79 -1.01
N GLN B 147 -7.33 3.83 -1.85
CA GLN B 147 -8.05 3.68 -3.16
C GLN B 147 -7.48 2.51 -4.04
N GLN B 148 -6.14 2.37 -4.09
CA GLN B 148 -5.50 1.29 -4.89
C GLN B 148 -5.93 -0.09 -4.40
N ALA B 149 -6.22 -0.19 -3.12
CA ALA B 149 -6.86 -1.35 -2.58
C ALA B 149 -8.31 -1.54 -3.11
N MET B 150 -9.13 -0.52 -2.93
CA MET B 150 -10.54 -0.61 -3.35
C MET B 150 -10.64 -0.89 -4.82
N ASP B 151 -9.78 -0.23 -5.58
CA ASP B 151 -9.66 -0.49 -7.00
C ASP B 151 -9.46 -1.94 -7.26
N GLN B 152 -8.43 -2.52 -6.66
CA GLN B 152 -8.11 -3.89 -6.93
C GLN B 152 -9.26 -4.84 -6.49
N LEU B 153 -9.85 -4.56 -5.35
CA LEU B 153 -10.98 -5.29 -4.89
C LEU B 153 -12.07 -5.30 -5.92
N TYR B 154 -12.30 -4.15 -6.55
CA TYR B 154 -13.30 -4.05 -7.60
C TYR B 154 -12.92 -4.92 -8.78
N TYR B 155 -11.69 -4.76 -9.27
CA TYR B 155 -11.23 -5.51 -10.42
C TYR B 155 -11.49 -7.00 -10.25
N VAL B 156 -11.16 -7.53 -9.08
CA VAL B 156 -11.26 -8.96 -8.83
C VAL B 156 -12.66 -9.37 -8.73
N THR B 157 -13.45 -8.54 -8.12
CA THR B 157 -14.80 -8.78 -8.01
C THR B 157 -15.44 -9.04 -9.38
N GLU B 158 -15.23 -8.13 -10.33
CA GLU B 158 -15.75 -8.32 -11.65
C GLU B 158 -14.98 -9.46 -12.44
N LEU B 159 -13.85 -9.90 -11.90
CA LEU B 159 -13.14 -11.10 -12.44
C LEU B 159 -13.78 -12.39 -11.93
N THR B 160 -14.17 -12.36 -10.70
CA THR B 160 -14.93 -13.39 -10.13
C THR B 160 -16.09 -13.79 -11.05
N HIS B 161 -16.90 -12.80 -11.42
CA HIS B 161 -18.05 -13.06 -12.27
C HIS B 161 -17.64 -13.82 -13.52
N ARG B 162 -16.53 -13.42 -14.12
CA ARG B 162 -16.13 -13.98 -15.38
C ARG B 162 -15.68 -15.43 -15.24
N ILE B 163 -15.01 -15.75 -14.17
CA ILE B 163 -14.59 -17.12 -13.92
C ILE B 163 -15.83 -18.07 -13.67
N ARG B 164 -16.78 -17.61 -12.90
CA ARG B 164 -17.96 -18.35 -12.66
C ARG B 164 -18.62 -18.77 -13.94
N SER B 165 -18.79 -17.81 -14.87
CA SER B 165 -19.36 -18.11 -16.19
C SER B 165 -18.63 -19.26 -16.86
N LYS B 166 -17.36 -19.04 -17.18
CA LYS B 166 -16.58 -20.08 -17.79
C LYS B 166 -16.92 -21.43 -17.16
N SER B 167 -18.01 -21.43 -16.32
CA SER B 167 -18.52 -22.72 -15.76
C SER B 167 -20.08 -22.87 -15.71
N SER B 168 -20.73 -22.47 -16.82
CA SER B 168 -21.87 -23.28 -17.35
C SER B 168 -21.86 -23.35 -18.88
N PHE B 182 -31.50 -10.51 -1.36
CA PHE B 182 -32.62 -11.28 -1.89
C PHE B 182 -32.25 -12.78 -2.05
N VAL B 183 -31.54 -13.29 -1.03
CA VAL B 183 -31.16 -14.73 -0.96
C VAL B 183 -30.01 -15.09 -1.89
N SER B 184 -28.79 -14.91 -1.40
CA SER B 184 -27.61 -15.02 -2.22
C SER B 184 -26.50 -15.90 -1.51
N PHE B 185 -25.30 -15.98 -2.15
CA PHE B 185 -24.19 -16.92 -1.70
C PHE B 185 -22.79 -16.26 -1.84
N PHE B 186 -22.79 -14.99 -2.20
CA PHE B 186 -21.59 -14.21 -2.21
C PHE B 186 -21.00 -14.05 -0.78
N PRO B 187 -19.68 -14.03 -0.68
CA PRO B 187 -19.01 -13.99 0.65
C PRO B 187 -19.29 -12.68 1.43
N ASP B 188 -19.27 -12.76 2.77
CA ASP B 188 -19.25 -11.59 3.61
C ASP B 188 -17.85 -11.05 3.74
N PHE B 189 -17.74 -9.80 4.16
CA PHE B 189 -16.53 -9.02 3.94
C PHE B 189 -16.04 -8.41 5.25
N VAL B 190 -14.77 -8.60 5.54
CA VAL B 190 -14.14 -7.91 6.64
C VAL B 190 -12.88 -7.24 6.20
N TRP B 191 -12.77 -5.92 6.47
CA TRP B 191 -11.48 -5.20 6.32
C TRP B 191 -10.73 -5.17 7.61
N THR B 192 -9.49 -5.60 7.57
CA THR B 192 -8.65 -5.54 8.72
C THR B 192 -7.53 -4.51 8.56
N LEU B 193 -7.37 -3.63 9.55
CA LEU B 193 -6.36 -2.59 9.49
C LEU B 193 -5.30 -2.79 10.53
N ARG B 194 -4.06 -2.88 10.08
CA ARG B 194 -2.97 -3.32 10.91
C ARG B 194 -2.03 -2.16 11.26
N ASP B 195 -1.37 -2.28 12.41
CA ASP B 195 -0.50 -1.23 12.89
C ASP B 195 -1.18 0.10 12.87
N PHE B 196 -2.42 0.12 13.28
CA PHE B 196 -3.23 1.30 13.13
C PHE B 196 -2.77 2.45 14.13
N SER B 197 -2.48 3.66 13.57
CA SER B 197 -1.95 4.82 14.40
C SER B 197 -2.98 5.91 14.54
N LEU B 198 -3.65 6.24 13.46
CA LEU B 198 -4.26 7.54 13.31
C LEU B 198 -5.56 7.66 14.16
N ASP B 199 -5.95 8.92 14.48
CA ASP B 199 -7.28 9.19 15.07
C ASP B 199 -8.38 8.69 14.15
N LEU B 200 -9.29 7.90 14.68
CA LEU B 200 -10.53 7.60 13.98
C LEU B 200 -11.51 8.74 14.09
N GLU B 201 -11.36 9.71 13.21
CA GLU B 201 -12.06 11.00 13.31
C GLU B 201 -12.26 11.53 11.91
N ALA B 202 -13.40 12.18 11.66
CA ALA B 202 -13.62 12.80 10.31
C ALA B 202 -14.67 13.87 10.28
N ASP B 203 -14.42 14.90 9.45
CA ASP B 203 -15.33 16.02 9.30
C ASP B 203 -15.77 16.56 10.64
N GLY B 204 -15.01 16.22 11.68
CA GLY B 204 -15.23 16.79 13.00
C GLY B 204 -15.81 15.80 13.99
N GLN B 205 -16.43 14.73 13.46
CA GLN B 205 -17.25 13.79 14.28
C GLN B 205 -16.55 12.38 14.37
N PRO B 206 -16.38 11.85 15.61
CA PRO B 206 -15.81 10.51 15.84
C PRO B 206 -16.26 9.44 14.82
N LEU B 207 -15.44 8.39 14.69
CA LEU B 207 -15.73 7.25 13.80
C LEU B 207 -15.46 5.96 14.52
N THR B 208 -16.36 5.01 14.37
CA THR B 208 -16.08 3.64 14.69
C THR B 208 -15.52 2.95 13.48
N PRO B 209 -14.78 1.87 13.67
CA PRO B 209 -14.16 1.20 12.55
C PRO B 209 -15.14 0.92 11.41
N ASP B 210 -16.40 0.64 11.73
CA ASP B 210 -17.41 0.41 10.69
C ASP B 210 -17.78 1.68 9.99
N GLU B 211 -17.94 2.75 10.76
CA GLU B 211 -18.29 4.03 10.20
C GLU B 211 -17.20 4.53 9.26
N TYR B 212 -16.00 4.05 9.47
CA TYR B 212 -14.90 4.33 8.60
C TYR B 212 -15.04 3.60 7.26
N LEU B 213 -15.34 2.33 7.32
CA LEU B 213 -15.47 1.57 6.14
C LEU B 213 -16.60 2.07 5.25
N THR B 214 -17.71 2.48 5.86
CA THR B 214 -18.85 2.97 5.06
C THR B 214 -18.67 4.38 4.65
N TYR B 215 -17.80 5.09 5.39
CA TYR B 215 -17.29 6.40 4.94
C TYR B 215 -16.56 6.28 3.63
N SER B 216 -15.81 5.22 3.48
CA SER B 216 -14.97 5.08 2.34
C SER B 216 -15.76 4.58 1.11
N LEU B 217 -16.88 3.92 1.35
CA LEU B 217 -17.70 3.44 0.25
C LEU B 217 -18.90 4.36 -0.03
N LYS B 218 -18.91 5.53 0.64
CA LYS B 218 -20.04 6.50 0.52
C LYS B 218 -20.15 7.05 -0.94
N LEU B 219 -21.33 6.91 -1.54
CA LEU B 219 -21.53 7.31 -2.98
C LEU B 219 -21.55 8.79 -3.12
N LYS B 220 -21.11 9.29 -4.27
CA LYS B 220 -21.09 10.68 -4.50
C LYS B 220 -22.45 11.18 -4.96
N LYS B 221 -22.79 12.43 -4.49
CA LYS B 221 -24.23 12.91 -4.46
C LYS B 221 -25.11 12.47 -5.65
N GLY B 222 -24.44 12.12 -6.84
CA GLY B 222 -25.47 11.81 -7.94
C GLY B 222 -25.00 11.99 -9.33
N THR B 223 -25.20 13.15 -9.85
CA THR B 223 -25.39 13.30 -11.24
C THR B 223 -23.99 13.28 -12.03
N SER B 224 -23.92 14.07 -13.13
CA SER B 224 -22.54 14.34 -13.85
C SER B 224 -21.81 13.06 -14.41
N GLN B 225 -20.49 13.19 -14.66
CA GLN B 225 -19.68 12.10 -15.31
C GLN B 225 -18.61 11.50 -14.35
N LYS B 226 -17.57 12.29 -14.06
CA LYS B 226 -16.49 11.86 -13.12
C LYS B 226 -17.08 11.64 -11.69
N ASP B 227 -18.33 12.09 -11.48
CA ASP B 227 -19.19 11.63 -10.35
C ASP B 227 -19.45 10.10 -10.42
N GLU B 228 -19.63 9.59 -11.65
CA GLU B 228 -20.06 8.18 -11.84
C GLU B 228 -18.86 7.25 -12.22
N THR B 229 -17.70 7.84 -12.45
CA THR B 229 -16.45 7.07 -12.49
C THR B 229 -15.98 6.72 -11.06
N PHE B 230 -15.98 7.75 -10.16
CA PHE B 230 -16.22 7.38 -8.68
C PHE B 230 -17.30 6.29 -8.65
N ASN B 231 -17.88 6.05 -7.50
CA ASN B 231 -19.15 5.32 -7.46
C ASN B 231 -19.05 3.92 -8.12
N LEU B 232 -18.62 3.89 -9.39
CA LEU B 232 -18.74 2.66 -10.20
C LEU B 232 -18.10 1.43 -9.54
N PRO B 233 -16.97 1.65 -8.83
CA PRO B 233 -16.40 0.55 -8.02
C PRO B 233 -17.12 0.41 -6.62
N ARG B 234 -17.55 1.52 -6.06
CA ARG B 234 -18.16 1.51 -4.77
C ARG B 234 -19.51 0.87 -4.83
N LEU B 235 -20.12 0.91 -6.00
CA LEU B 235 -21.34 0.21 -6.25
C LEU B 235 -21.14 -1.27 -6.21
N CYS B 236 -20.23 -1.74 -7.03
CA CYS B 236 -20.10 -3.14 -7.26
C CYS B 236 -19.66 -3.85 -6.03
N ILE B 237 -18.95 -3.15 -5.17
CA ILE B 237 -18.53 -3.71 -3.93
C ILE B 237 -19.68 -3.79 -2.96
N ARG B 238 -20.45 -2.73 -2.88
CA ARG B 238 -21.53 -2.68 -1.98
C ARG B 238 -22.64 -3.70 -2.37
N LYS B 239 -22.80 -3.95 -3.68
CA LYS B 239 -23.66 -5.06 -4.14
C LYS B 239 -23.06 -6.41 -3.80
N PHE B 240 -21.80 -6.62 -4.20
CA PHE B 240 -21.21 -7.98 -4.21
C PHE B 240 -21.14 -8.60 -2.79
N PHE B 241 -20.62 -7.82 -1.83
CA PHE B 241 -20.44 -8.32 -0.45
C PHE B 241 -21.58 -7.87 0.43
N PRO B 242 -22.42 -8.83 0.85
CA PRO B 242 -23.64 -8.54 1.62
C PRO B 242 -23.32 -7.86 2.97
N LYS B 243 -22.82 -8.63 3.93
CA LYS B 243 -22.40 -8.07 5.24
C LYS B 243 -20.99 -7.46 5.14
N LYS B 244 -20.80 -6.32 5.81
CA LYS B 244 -19.45 -5.68 5.86
C LYS B 244 -19.10 -5.28 7.23
N LYS B 245 -17.85 -5.54 7.60
CA LYS B 245 -17.35 -5.18 8.89
C LYS B 245 -15.90 -4.70 8.77
N CYS B 246 -15.42 -3.95 9.76
CA CYS B 246 -14.03 -3.49 9.78
C CYS B 246 -13.44 -3.63 11.19
N PHE B 247 -12.15 -3.98 11.27
CA PHE B 247 -11.46 -4.08 12.58
C PHE B 247 -10.10 -3.38 12.53
N VAL B 248 -9.83 -2.55 13.55
CA VAL B 248 -8.46 -2.01 13.75
C VAL B 248 -7.64 -2.88 14.65
N PHE B 249 -6.33 -2.68 14.62
CA PHE B 249 -5.40 -3.55 15.28
C PHE B 249 -4.07 -2.75 15.57
N ASP B 250 -3.77 -2.51 16.84
CA ASP B 250 -2.53 -1.75 17.22
C ASP B 250 -1.26 -2.67 17.20
N ARG B 251 -0.25 -2.29 16.40
CA ARG B 251 1.11 -2.96 16.48
C ARG B 251 1.12 -3.97 17.67
N PRO B 252 1.46 -5.27 17.40
CA PRO B 252 1.43 -6.26 18.52
C PRO B 252 2.39 -5.87 19.65
N VAL B 253 3.64 -5.57 19.28
CA VAL B 253 4.70 -5.29 20.31
C VAL B 253 5.37 -3.93 20.10
N HIS B 254 5.82 -3.29 21.22
CA HIS B 254 6.27 -1.82 21.24
C HIS B 254 7.73 -1.61 20.60
N ARG B 255 8.65 -2.50 20.92
CA ARG B 255 9.85 -2.62 20.15
C ARG B 255 9.56 -3.44 18.94
N ARG B 256 10.58 -4.04 18.39
CA ARG B 256 10.37 -5.08 17.44
C ARG B 256 10.99 -6.35 17.89
N LYS B 257 10.52 -6.82 19.07
CA LYS B 257 10.59 -8.23 19.32
C LYS B 257 9.49 -8.89 18.50
N LEU B 258 9.12 -8.20 17.39
CA LEU B 258 7.99 -8.63 16.49
C LEU B 258 8.26 -9.94 15.84
N ALA B 259 9.54 -10.29 15.79
CA ALA B 259 10.04 -11.16 14.78
C ALA B 259 10.22 -12.58 15.32
N GLN B 260 10.34 -12.69 16.67
CA GLN B 260 9.76 -13.93 17.30
C GLN B 260 8.41 -13.59 17.74
N LEU B 261 7.45 -14.39 17.37
CA LEU B 261 6.07 -14.04 17.59
C LEU B 261 5.18 -15.26 17.61
N GLU B 262 5.51 -16.25 16.78
CA GLU B 262 4.86 -17.58 16.88
C GLU B 262 4.91 -18.06 18.31
N LYS B 263 5.82 -17.49 19.11
CA LYS B 263 6.23 -18.11 20.36
C LYS B 263 6.10 -17.15 21.59
N LEU B 264 5.34 -16.05 21.44
CA LEU B 264 5.01 -15.16 22.64
C LEU B 264 3.59 -15.44 23.18
N GLN B 265 3.44 -15.46 24.52
CA GLN B 265 2.09 -15.54 25.15
C GLN B 265 1.50 -14.13 25.46
N ASP B 266 0.19 -14.07 25.69
CA ASP B 266 -0.56 -12.84 25.51
C ASP B 266 -0.19 -11.76 26.54
N GLU B 267 0.36 -12.20 27.69
CA GLU B 267 0.95 -11.27 28.64
C GLU B 267 1.88 -10.33 27.95
N GLU B 268 2.76 -10.90 27.12
CA GLU B 268 3.91 -10.15 26.61
C GLU B 268 3.49 -9.09 25.49
N LEU B 269 2.31 -9.30 24.89
CA LEU B 269 1.81 -8.38 23.83
C LEU B 269 1.14 -7.18 24.42
N ASP B 270 1.13 -6.08 23.69
CA ASP B 270 0.22 -4.99 23.97
C ASP B 270 -1.15 -5.53 24.21
N PRO B 271 -1.72 -5.22 25.37
CA PRO B 271 -2.94 -5.88 25.77
C PRO B 271 -4.20 -5.32 25.05
N GLU B 272 -4.01 -4.29 24.20
CA GLU B 272 -5.14 -3.72 23.41
C GLU B 272 -5.20 -4.38 22.04
N PHE B 273 -4.10 -4.99 21.66
CA PHE B 273 -4.05 -5.81 20.50
C PHE B 273 -4.65 -7.19 20.77
N VAL B 274 -4.40 -7.72 21.96
CA VAL B 274 -5.11 -8.93 22.43
C VAL B 274 -6.59 -8.70 22.43
N GLN B 275 -7.00 -7.60 23.05
CA GLN B 275 -8.37 -7.22 23.07
C GLN B 275 -8.95 -7.30 21.72
N GLN B 276 -8.22 -6.77 20.75
CA GLN B 276 -8.76 -6.52 19.43
C GLN B 276 -8.84 -7.76 18.63
N VAL B 277 -7.87 -8.64 18.85
CA VAL B 277 -7.88 -9.94 18.24
C VAL B 277 -9.04 -10.76 18.77
N ALA B 278 -9.25 -10.70 20.07
CA ALA B 278 -10.34 -11.40 20.70
C ALA B 278 -11.66 -10.99 20.12
N ASP B 279 -11.80 -9.69 19.84
CA ASP B 279 -13.08 -9.13 19.38
C ASP B 279 -13.35 -9.52 17.96
N PHE B 280 -12.28 -9.76 17.20
CA PHE B 280 -12.39 -10.11 15.77
C PHE B 280 -12.66 -11.59 15.62
N CYS B 281 -12.02 -12.37 16.44
CA CYS B 281 -12.29 -13.72 16.50
C CYS B 281 -13.76 -13.97 16.87
N SER B 282 -14.25 -13.23 17.82
CA SER B 282 -15.57 -13.43 18.30
C SER B 282 -16.59 -13.18 17.18
N TYR B 283 -16.30 -12.20 16.33
CA TYR B 283 -17.20 -11.88 15.22
C TYR B 283 -17.21 -12.97 14.17
N ILE B 284 -16.03 -13.41 13.76
CA ILE B 284 -15.91 -14.50 12.80
C ILE B 284 -16.65 -15.76 13.26
N PHE B 285 -16.33 -16.22 14.44
CA PHE B 285 -16.94 -17.37 14.98
C PHE B 285 -18.44 -17.18 15.07
N SER B 286 -18.86 -15.98 15.45
CA SER B 286 -20.26 -15.72 15.77
C SER B 286 -21.10 -15.52 14.53
N ASN B 287 -20.48 -15.08 13.43
CA ASN B 287 -21.23 -14.50 12.32
C ASN B 287 -20.96 -15.12 10.93
N SER B 288 -19.77 -15.62 10.72
CA SER B 288 -19.42 -16.25 9.44
C SER B 288 -20.38 -17.40 9.13
N LYS B 289 -20.99 -17.34 7.94
CA LYS B 289 -22.06 -18.29 7.56
C LYS B 289 -21.47 -19.59 7.00
N THR B 290 -22.32 -20.60 6.83
CA THR B 290 -21.92 -21.81 6.10
C THR B 290 -21.80 -21.55 4.57
N LYS B 291 -20.67 -21.98 3.99
CA LYS B 291 -20.40 -21.81 2.54
C LYS B 291 -21.41 -22.58 1.72
N THR B 292 -21.86 -22.00 0.64
CA THR B 292 -23.03 -22.47 -0.03
C THR B 292 -22.90 -22.33 -1.55
N LEU B 293 -23.14 -23.43 -2.27
CA LEU B 293 -23.33 -23.36 -3.74
C LEU B 293 -24.60 -22.59 -4.04
N SER B 294 -24.74 -22.13 -5.26
CA SER B 294 -25.99 -21.52 -5.66
C SER B 294 -27.13 -22.59 -5.81
N GLY B 295 -28.36 -22.16 -5.59
CA GLY B 295 -29.46 -23.08 -5.40
C GLY B 295 -29.50 -23.65 -4.00
N GLY B 296 -28.56 -23.24 -3.17
CA GLY B 296 -28.76 -23.25 -1.74
C GLY B 296 -27.94 -24.31 -1.01
N ILE B 297 -27.42 -25.28 -1.76
CA ILE B 297 -26.75 -26.44 -1.14
C ILE B 297 -25.56 -26.02 -0.29
N GLN B 298 -25.48 -26.58 0.92
CA GLN B 298 -24.35 -26.32 1.81
C GLN B 298 -23.14 -27.07 1.38
N VAL B 299 -21.99 -26.44 1.48
CA VAL B 299 -20.75 -27.04 1.00
C VAL B 299 -20.10 -27.90 2.07
N ASN B 300 -19.77 -29.13 1.70
CA ASN B 300 -18.93 -29.96 2.54
C ASN B 300 -17.61 -30.33 1.85
N GLY B 301 -16.79 -31.12 2.53
CA GLY B 301 -15.51 -31.56 1.98
C GLY B 301 -15.52 -31.67 0.47
N PRO B 302 -16.21 -32.69 -0.07
CA PRO B 302 -16.14 -33.03 -1.46
C PRO B 302 -16.64 -31.92 -2.38
N ARG B 303 -17.68 -31.23 -1.96
CA ARG B 303 -18.21 -30.15 -2.74
C ARG B 303 -17.22 -28.92 -2.78
N LEU B 304 -16.33 -28.86 -1.81
CA LEU B 304 -15.21 -27.98 -1.90
C LEU B 304 -14.13 -28.54 -2.82
N GLU B 305 -13.76 -29.80 -2.61
CA GLU B 305 -12.80 -30.44 -3.48
C GLU B 305 -13.12 -30.12 -4.92
N SER B 306 -14.40 -30.13 -5.25
CA SER B 306 -14.82 -30.09 -6.60
C SER B 306 -15.08 -28.63 -7.08
N LEU B 307 -15.15 -27.69 -6.13
CA LEU B 307 -15.10 -26.26 -6.47
C LEU B 307 -13.71 -25.83 -6.74
N VAL B 308 -12.78 -26.37 -5.99
CA VAL B 308 -11.44 -26.02 -6.14
C VAL B 308 -10.95 -26.46 -7.50
N LEU B 309 -11.29 -27.69 -7.86
CA LEU B 309 -10.93 -28.23 -9.13
C LEU B 309 -11.55 -27.46 -10.28
N THR B 310 -12.84 -27.17 -10.16
CA THR B 310 -13.53 -26.46 -11.18
C THR B 310 -12.88 -25.11 -11.44
N TYR B 311 -12.66 -24.34 -10.37
CA TYR B 311 -12.16 -22.98 -10.50
C TYR B 311 -10.67 -22.96 -10.97
N VAL B 312 -9.91 -23.94 -10.53
CA VAL B 312 -8.56 -24.03 -10.87
C VAL B 312 -8.37 -24.39 -12.36
N ASN B 313 -9.11 -25.43 -12.84
CA ASN B 313 -9.12 -25.77 -14.32
C ASN B 313 -9.55 -24.62 -15.13
N ALA B 314 -10.42 -23.79 -14.56
CA ALA B 314 -11.06 -22.69 -15.30
C ALA B 314 -10.09 -21.57 -15.51
N ILE B 315 -9.02 -21.57 -14.73
CA ILE B 315 -7.99 -20.57 -14.84
C ILE B 315 -6.88 -21.07 -15.78
N SER B 316 -6.65 -22.40 -15.78
CA SER B 316 -5.68 -23.04 -16.71
C SER B 316 -6.31 -23.38 -18.16
N SER B 317 -6.93 -22.34 -18.82
CA SER B 317 -7.24 -22.44 -20.37
C SER B 317 -6.69 -21.19 -21.19
N GLY B 318 -7.46 -20.05 -21.15
CA GLY B 318 -6.90 -18.71 -21.64
C GLY B 318 -7.99 -17.60 -21.95
N ASP B 319 -8.78 -17.22 -20.90
CA ASP B 319 -9.68 -15.98 -20.98
C ASP B 319 -8.93 -14.69 -20.57
MG MG C . 1.17 15.77 4.25
PB GDP D . 1.18 12.69 4.93
O1B GDP D . 1.94 11.76 4.20
O2B GDP D . 1.66 13.99 4.87
O3B GDP D . -0.23 12.75 4.62
O3A GDP D . 1.23 12.32 6.53
PA GDP D . 1.70 13.45 7.62
O1A GDP D . 3.11 13.89 7.44
O2A GDP D . 0.63 14.68 7.49
O5' GDP D . 1.45 12.80 9.07
C5' GDP D . 0.18 12.28 9.38
C4' GDP D . 0.20 11.66 10.79
O4' GDP D . 1.22 10.52 10.85
C3' GDP D . 0.66 12.69 11.82
O3' GDP D . -0.03 12.47 13.06
C2' GDP D . 2.12 12.38 12.00
O2' GDP D . 2.56 12.82 13.30
C1' GDP D . 2.16 10.88 11.95
N9 GDP D . 3.52 10.36 11.58
C8 GDP D . 4.55 11.08 11.12
N7 GDP D . 5.57 10.24 10.85
C5 GDP D . 5.15 9.00 11.09
C6 GDP D . 5.77 7.77 11.00
O6 GDP D . 6.94 7.68 10.60
N1 GDP D . 5.08 6.64 11.36
C2 GDP D . 3.77 6.76 11.80
N2 GDP D . 3.09 5.66 12.14
N3 GDP D . 3.18 7.97 11.89
C4 GDP D . 3.86 9.09 11.55
AL AF3 E . -1.42 13.81 3.40
F1 AF3 E . -0.67 15.42 3.78
F2 AF3 E . -0.64 12.71 2.14
F3 AF3 E . -2.75 13.18 4.47
MG MG F . 1.60 -15.21 4.84
PB GDP G . 2.19 -12.24 5.56
O1B GDP G . 1.13 -11.34 5.35
O2B GDP G . 1.80 -13.56 5.78
O3B GDP G . 3.17 -12.23 4.57
O3A GDP G . 3.03 -11.82 6.91
PA GDP G . 3.19 -12.88 8.17
O1A GDP G . 1.88 -13.23 8.80
O2A GDP G . 3.97 -14.17 7.56
O5' GDP G . 4.21 -12.19 9.20
C5' GDP G . 5.37 -11.56 8.72
C4' GDP G . 6.07 -10.79 9.83
O4' GDP G . 5.18 -9.67 10.32
C3' GDP G . 6.29 -11.69 11.04
O3' GDP G . 7.54 -11.35 11.67
C2' GDP G . 5.16 -11.34 11.96
O2' GDP G . 5.52 -11.65 13.32
C1' GDP G . 5.05 -9.86 11.79
N9 GDP G . 3.73 -9.33 12.20
C8 GDP G . 2.60 -10.05 12.45
N7 GDP G . 1.60 -9.19 12.73
C5 GDP G . 2.08 -7.95 12.62
C6 GDP G . 1.51 -6.72 12.78
O6 GDP G . 0.33 -6.61 13.10
N1 GDP G . 2.29 -5.59 12.60
C2 GDP G . 3.63 -5.73 12.24
N2 GDP G . 4.39 -4.66 12.05
N3 GDP G . 4.16 -6.94 12.08
C4 GDP G . 3.42 -8.05 12.27
AL AF3 H . 3.50 -13.39 2.91
F1 AF3 H . 5.08 -12.51 2.78
F2 AF3 H . 1.95 -12.60 2.31
F3 AF3 H . 3.43 -14.99 3.78
#